data_1HUT
#
_entry.id   1HUT
#
_cell.length_a   56.520
_cell.length_b   77.440
_cell.length_c   99.520
_cell.angle_alpha   90.00
_cell.angle_beta   90.00
_cell.angle_gamma   90.00
#
_symmetry.space_group_name_H-M   'P 21 21 21'
#
loop_
_entity.id
_entity.type
_entity.pdbx_description
1 polymer "DNA 5'-D(*GP*GP*TP*TP*GP*GP*TP*GP*TP*GP*GP*TP*TP*GP*G)-3'"
2 polymer 'ALPHA-Thrombin light chain'
3 polymer 'ALPHA-Thrombin heavy chain'
4 non-polymer D-phenylalanyl-N-[(3S)-6-carbamimidamido-1-chloro-2-oxohexan-3-yl]-L-prolinamide
5 water water
#
loop_
_entity_poly.entity_id
_entity_poly.type
_entity_poly.pdbx_seq_one_letter_code
_entity_poly.pdbx_strand_id
1 'polydeoxyribonucleotide' (DG)(DG)(DT)(DT)(DG)(DG)(DT)(DG)(DT)(DG)(DG)(DT)(DT)(DG)(DG) D
2 'polypeptide(L)' TFGSGEADCGLRPLFEKKSLEDKTERELLESYIDGR L
3 'polypeptide(L)'
;IVEGSDAEIGMSPWQVMLFRKSPQELLCGASLISDRWVLTAAHCLLYPPWDKNFTENDLLVRIGKHSRTRYERNIEKISM
LEKIYIHPRYNWRENLDRDIALMKLKKPVAFSDYIHPVCLPDRETAASLLQAGYKGRVTGWGNLKETWTANVGKGQPSVL
QVVNLPIVERPVCKDSTRIRITDNMFCAGYKPDEGKRGDACEGDSGGPFVMKSPFNNRWYQMGIVSWGEGCDRDGKYGFY
THVFRLKKWIQKVIDQFGE
;
H
#
# COMPACT_ATOMS: atom_id res chain seq x y z
N THR B 1 3.57 12.97 -7.27
CA THR B 1 2.24 13.50 -7.66
C THR B 1 1.66 12.45 -8.58
N PHE B 2 1.10 12.97 -9.65
CA PHE B 2 0.51 12.12 -10.70
C PHE B 2 1.42 10.92 -11.00
N GLY B 3 1.14 10.42 -12.22
CA GLY B 3 1.88 9.22 -12.71
C GLY B 3 3.37 9.43 -12.92
N SER B 4 4.28 8.41 -12.28
CA SER B 4 5.73 8.48 -12.58
C SER B 4 6.18 9.94 -12.51
N GLY B 5 5.35 10.65 -11.76
CA GLY B 5 5.30 12.12 -11.70
C GLY B 5 5.95 12.87 -10.56
N GLU B 6 6.86 12.27 -9.87
CA GLU B 6 7.71 13.08 -8.99
C GLU B 6 8.75 13.74 -9.86
N ALA B 7 9.60 12.87 -10.34
CA ALA B 7 10.71 13.19 -11.23
C ALA B 7 11.44 11.89 -11.49
N ASP B 8 11.50 11.17 -10.41
CA ASP B 8 12.10 9.86 -10.32
C ASP B 8 11.30 9.14 -9.27
N CYS B 9 10.02 8.97 -9.59
CA CYS B 9 9.17 8.21 -8.73
C CYS B 9 9.70 6.82 -8.90
N GLY B 10 9.29 6.00 -7.99
CA GLY B 10 9.55 4.56 -7.89
C GLY B 10 10.95 4.05 -8.26
N LEU B 11 11.98 4.82 -8.00
CA LEU B 11 13.35 4.38 -8.31
C LEU B 11 14.19 4.47 -7.04
N ARG B 12 14.50 3.30 -6.40
CA ARG B 12 15.17 3.25 -5.09
C ARG B 12 16.64 3.50 -4.83
N PRO B 13 16.92 4.56 -4.05
CA PRO B 13 18.26 4.92 -3.64
C PRO B 13 19.11 3.76 -3.17
N LEU B 14 18.69 3.05 -2.13
CA LEU B 14 19.55 1.95 -1.73
C LEU B 14 19.53 0.83 -2.78
N PHE B 15 18.54 0.85 -3.69
CA PHE B 15 18.45 -0.30 -4.59
C PHE B 15 18.44 -0.06 -6.11
N GLU B 16 17.40 0.44 -6.75
CA GLU B 16 17.56 0.53 -8.23
C GLU B 16 18.56 1.68 -8.54
N LYS B 17 18.31 2.89 -8.08
CA LYS B 17 19.24 4.03 -8.34
C LYS B 17 20.70 3.62 -8.05
N LYS B 18 20.82 2.41 -7.47
CA LYS B 18 22.13 1.86 -7.08
C LYS B 18 22.48 0.46 -7.54
N SER B 19 21.85 -0.07 -8.51
CA SER B 19 21.68 -1.28 -9.34
C SER B 19 21.86 -2.56 -8.50
N LEU B 20 21.31 -2.42 -7.33
CA LEU B 20 21.22 -3.45 -6.30
C LEU B 20 19.78 -3.99 -6.51
N GLU B 21 19.65 -5.31 -6.47
CA GLU B 21 18.33 -5.96 -6.67
C GLU B 21 17.95 -6.73 -5.42
N ASP B 22 16.63 -6.59 -4.97
CA ASP B 22 16.24 -7.23 -3.70
C ASP B 22 15.96 -8.75 -3.73
N LYS B 23 16.03 -9.10 -2.43
CA LYS B 23 15.87 -10.52 -2.04
C LYS B 23 14.95 -11.18 -3.07
N THR B 24 13.72 -10.76 -3.10
CA THR B 24 12.73 -11.32 -4.02
C THR B 24 12.08 -10.46 -5.03
N GLU B 25 12.80 -9.57 -5.77
CA GLU B 25 12.36 -8.83 -6.98
C GLU B 25 12.07 -9.80 -8.09
N ARG B 26 13.27 -10.52 -8.29
CA ARG B 26 13.27 -11.56 -9.31
C ARG B 26 12.12 -12.53 -9.05
N GLU B 27 11.39 -12.47 -7.95
CA GLU B 27 10.28 -13.43 -7.74
C GLU B 27 9.06 -12.97 -8.56
N LEU B 28 8.86 -11.70 -8.69
CA LEU B 28 7.89 -10.94 -9.47
C LEU B 28 8.31 -10.84 -10.94
N LEU B 29 9.45 -10.23 -11.14
CA LEU B 29 10.06 -10.05 -12.45
C LEU B 29 10.12 -11.43 -13.09
N GLU B 30 9.57 -12.47 -12.42
CA GLU B 30 9.48 -13.80 -13.08
C GLU B 30 8.02 -14.17 -13.28
N SER B 31 7.08 -13.36 -12.69
CA SER B 31 5.63 -13.61 -12.70
C SER B 31 4.99 -13.44 -14.09
N TYR B 32 5.39 -12.33 -14.67
CA TYR B 32 5.09 -11.84 -16.01
C TYR B 32 5.83 -12.88 -16.82
N ILE B 33 5.29 -14.02 -17.25
CA ILE B 33 6.30 -14.98 -17.85
C ILE B 33 7.33 -14.04 -18.53
N ASP B 34 8.28 -13.63 -17.80
CA ASP B 34 9.62 -13.11 -18.11
C ASP B 34 9.53 -11.72 -18.75
N GLY B 35 9.76 -10.82 -17.74
CA GLY B 35 9.66 -9.37 -18.01
C GLY B 35 10.99 -8.84 -18.61
N ARG B 36 11.96 -8.77 -17.68
CA ARG B 36 13.31 -8.30 -18.03
C ARG B 36 13.90 -9.05 -19.25
N ILE C 1 1.98 -8.54 7.82
CA ILE C 1 1.80 -9.51 6.71
C ILE C 1 1.86 -10.93 7.23
N VAL C 2 0.99 -11.80 6.76
CA VAL C 2 0.95 -13.24 7.24
C VAL C 2 1.82 -14.09 6.36
N GLU C 3 2.49 -15.13 6.98
CA GLU C 3 3.43 -15.84 6.10
C GLU C 3 4.07 -14.83 5.17
N GLY C 4 4.87 -14.01 5.80
CA GLY C 4 5.70 -12.96 5.18
C GLY C 4 7.17 -13.26 5.45
N SER C 5 7.98 -12.21 5.39
CA SER C 5 9.44 -12.31 5.60
C SER C 5 10.09 -10.91 5.67
N ASP C 6 10.39 -10.55 6.90
CA ASP C 6 10.99 -9.26 7.29
C ASP C 6 11.82 -8.60 6.15
N ALA C 7 11.25 -7.49 5.70
CA ALA C 7 11.81 -6.65 4.64
C ALA C 7 13.24 -6.23 4.99
N GLU C 8 13.88 -5.80 3.95
CA GLU C 8 15.24 -5.32 3.83
C GLU C 8 15.32 -3.82 4.07
N ILE C 9 16.53 -3.26 4.01
CA ILE C 9 16.72 -1.82 4.14
C ILE C 9 15.96 -1.08 3.03
N GLY C 10 14.97 -0.26 3.29
CA GLY C 10 14.26 0.49 2.28
C GLY C 10 13.52 -0.20 1.12
N MET C 11 13.21 -1.46 1.28
CA MET C 11 12.47 -2.31 0.39
C MET C 11 11.27 -1.49 -0.13
N SER C 12 10.86 -0.49 0.64
CA SER C 12 9.77 0.44 0.44
C SER C 12 10.03 1.87 0.93
N PRO C 13 11.01 2.57 0.39
CA PRO C 13 11.29 3.96 0.83
C PRO C 13 10.04 4.77 1.09
N TRP C 14 8.98 4.44 0.43
CA TRP C 14 7.67 5.00 0.47
C TRP C 14 6.72 4.45 1.49
N GLN C 15 7.17 3.66 2.46
CA GLN C 15 6.17 3.09 3.41
C GLN C 15 6.11 4.00 4.65
N VAL C 16 4.87 4.36 4.90
CA VAL C 16 4.41 5.28 5.94
C VAL C 16 3.83 4.66 7.21
N MET C 17 3.57 5.56 8.12
CA MET C 17 2.99 5.03 9.34
C MET C 17 1.82 5.91 9.79
N LEU C 18 0.65 5.33 9.75
CA LEU C 18 -0.52 6.02 10.28
C LEU C 18 -0.33 5.82 11.77
N PHE C 19 -0.29 6.91 12.47
CA PHE C 19 -0.01 6.85 13.89
C PHE C 19 -1.01 7.73 14.67
N ARG C 20 -1.67 7.07 15.62
CA ARG C 20 -2.67 7.68 16.54
C ARG C 20 -1.81 8.36 17.61
N LYS C 21 -2.22 9.55 18.06
CA LYS C 21 -1.40 10.33 19.02
C LYS C 21 -1.91 10.15 20.46
N SER C 22 -3.13 9.90 20.75
CA SER C 22 -3.86 9.56 21.94
C SER C 22 -4.68 8.26 21.85
N PRO C 23 -4.25 7.14 22.38
CA PRO C 23 -2.99 6.91 23.02
C PRO C 23 -2.02 6.71 21.81
N GLN C 24 -0.79 6.47 22.09
CA GLN C 24 0.24 6.21 21.08
C GLN C 24 -0.04 4.92 20.31
N GLU C 25 -0.49 5.12 19.03
CA GLU C 25 -0.75 3.91 18.21
C GLU C 25 -0.49 4.15 16.70
N LEU C 26 -0.48 2.96 16.10
CA LEU C 26 -0.25 2.73 14.70
C LEU C 26 -1.56 2.46 14.01
N LEU C 27 -2.12 3.26 13.14
CA LEU C 27 -3.41 2.75 12.54
C LEU C 27 -2.98 1.84 11.41
N CYS C 28 -2.36 2.36 10.38
CA CYS C 28 -1.86 1.64 9.21
C CYS C 28 -0.66 2.28 8.47
N GLY C 29 -0.38 1.61 7.34
CA GLY C 29 0.66 1.92 6.38
C GLY C 29 0.10 2.92 5.34
N ALA C 30 1.00 3.57 4.64
CA ALA C 30 0.71 4.60 3.66
C ALA C 30 1.95 4.88 2.78
N SER C 31 1.70 5.30 1.55
CA SER C 31 2.61 5.58 0.51
C SER C 31 2.88 7.03 0.13
N LEU C 32 4.15 7.41 0.22
CA LEU C 32 4.60 8.73 -0.25
C LEU C 32 4.52 8.64 -1.81
N ILE C 33 3.97 9.74 -2.27
CA ILE C 33 3.68 10.00 -3.67
C ILE C 33 4.14 11.39 -4.03
N SER C 34 4.29 12.36 -3.16
CA SER C 34 4.75 13.73 -3.38
C SER C 34 5.83 14.13 -2.37
N ASP C 35 6.13 15.38 -2.16
CA ASP C 35 7.13 15.75 -1.11
C ASP C 35 6.31 15.98 0.19
N ARG C 36 5.03 15.74 -0.07
CA ARG C 36 3.98 15.92 0.91
C ARG C 36 2.62 15.34 0.51
N TRP C 37 2.60 14.54 -0.55
CA TRP C 37 1.28 13.95 -0.88
C TRP C 37 1.40 12.45 -0.57
N VAL C 38 0.77 12.06 0.54
CA VAL C 38 0.74 10.64 0.95
C VAL C 38 -0.67 10.05 0.77
N LEU C 39 -0.72 8.78 0.27
CA LEU C 39 -2.04 8.17 0.07
C LEU C 39 -2.24 6.90 0.87
N THR C 40 -3.28 6.88 1.66
CA THR C 40 -3.73 5.77 2.52
C THR C 40 -5.11 5.26 2.14
N ALA C 41 -5.62 4.45 3.02
CA ALA C 41 -6.98 3.92 2.99
C ALA C 41 -7.89 4.83 3.83
N ALA C 42 -9.06 5.17 3.33
CA ALA C 42 -10.06 5.99 4.06
C ALA C 42 -10.42 5.37 5.41
N HIS C 43 -10.84 4.10 5.36
CA HIS C 43 -11.29 3.31 6.50
C HIS C 43 -10.29 3.48 7.65
N CYS C 44 -9.07 3.68 7.26
CA CYS C 44 -7.96 3.94 8.16
C CYS C 44 -8.11 5.29 8.83
N LEU C 45 -9.18 6.01 8.46
CA LEU C 45 -9.47 7.36 8.98
C LEU C 45 -10.97 7.55 9.19
N LEU C 46 -11.81 6.64 8.72
CA LEU C 46 -13.25 6.82 8.93
C LEU C 46 -14.07 5.53 8.80
N TYR C 47 -14.28 4.87 9.94
CA TYR C 47 -15.11 3.66 9.95
C TYR C 47 -16.19 3.79 11.04
N PRO C 48 -17.18 4.66 10.75
CA PRO C 48 -18.29 4.98 11.62
C PRO C 48 -18.95 3.88 12.43
N PRO C 49 -19.10 2.77 11.74
CA PRO C 49 -19.76 1.60 12.31
C PRO C 49 -18.97 1.14 13.55
N TRP C 50 -17.64 1.31 13.51
CA TRP C 50 -16.80 0.89 14.64
C TRP C 50 -16.24 2.20 15.28
N ASP C 51 -17.00 3.21 14.94
CA ASP C 51 -16.74 4.58 15.42
C ASP C 51 -15.26 4.95 15.20
N LYS C 52 -14.85 4.93 13.95
CA LYS C 52 -13.55 5.28 13.44
C LYS C 52 -13.84 6.62 12.64
N ASN C 53 -13.21 7.64 13.18
CA ASN C 53 -13.22 8.96 12.64
C ASN C 53 -12.04 9.77 13.20
N PHE C 54 -10.90 9.51 12.47
CA PHE C 54 -9.60 10.11 12.83
C PHE C 54 -9.28 11.30 11.91
N THR C 55 -8.96 12.32 12.67
CA THR C 55 -8.71 13.70 12.27
C THR C 55 -7.25 14.18 12.21
N GLU C 56 -6.97 15.01 11.24
CA GLU C 56 -5.72 15.71 10.90
C GLU C 56 -4.82 15.89 12.11
N ASN C 57 -5.33 16.77 12.95
CA ASN C 57 -4.71 17.21 14.21
C ASN C 57 -4.19 16.01 15.05
N ASP C 58 -4.97 14.98 14.86
CA ASP C 58 -4.93 13.63 15.49
C ASP C 58 -3.69 12.79 15.19
N LEU C 59 -3.50 12.61 13.91
CA LEU C 59 -2.58 11.62 13.34
C LEU C 59 -1.22 12.24 12.98
N LEU C 60 -0.29 11.24 13.11
CA LEU C 60 1.13 11.54 12.89
C LEU C 60 1.67 10.71 11.73
N VAL C 61 2.29 11.31 10.70
CA VAL C 61 2.85 10.37 9.69
C VAL C 61 4.25 9.96 10.16
N ARG C 62 4.57 8.68 9.89
CA ARG C 62 5.94 8.21 10.30
C ARG C 62 6.58 7.50 9.12
N ILE C 63 7.31 8.40 8.45
CA ILE C 63 8.01 8.22 7.22
C ILE C 63 9.48 7.80 7.23
N GLY C 64 9.72 6.71 6.51
CA GLY C 64 11.07 6.15 6.29
C GLY C 64 11.54 5.40 7.52
N LYS C 65 11.06 4.17 7.69
CA LYS C 65 11.25 3.46 8.97
C LYS C 65 11.45 1.95 8.72
N HIS C 66 11.77 1.26 9.78
CA HIS C 66 12.02 -0.18 9.73
C HIS C 66 11.50 -0.92 10.96
N SER C 67 11.94 -0.37 12.08
CA SER C 67 11.54 -0.93 13.39
C SER C 67 10.13 -0.35 13.53
N ARG C 68 9.20 -1.24 13.79
CA ARG C 68 7.78 -0.96 13.88
C ARG C 68 7.45 -0.22 15.17
N THR C 69 8.33 -0.64 16.06
CA THR C 69 8.38 -0.41 17.50
C THR C 69 9.21 0.81 17.87
N ARG C 70 10.44 0.93 17.38
CA ARG C 70 11.24 2.07 17.85
C ARG C 70 11.40 3.23 16.87
N TYR C 71 11.78 4.32 17.50
CA TYR C 71 12.04 5.60 16.87
C TYR C 71 13.42 5.59 16.29
N GLU C 72 13.67 5.52 14.94
CA GLU C 72 15.09 5.43 14.54
C GLU C 72 15.81 6.73 14.94
N ARG C 73 16.75 6.62 15.87
CA ARG C 73 17.44 7.83 16.33
C ARG C 73 17.40 8.87 15.22
N ASN C 74 17.90 8.55 14.01
CA ASN C 74 17.85 9.59 12.95
C ASN C 74 17.40 9.08 11.58
N ILE C 75 16.62 8.03 11.54
CA ILE C 75 16.10 7.58 10.26
C ILE C 75 14.75 8.28 10.04
N GLU C 76 13.84 7.95 10.91
CA GLU C 76 12.45 8.41 10.95
C GLU C 76 12.15 9.91 10.87
N LYS C 77 11.17 10.18 10.01
CA LYS C 77 10.59 11.51 9.83
C LYS C 77 9.11 11.46 10.27
N ILE C 78 8.97 11.94 11.44
CA ILE C 78 7.74 12.10 12.26
C ILE C 78 7.09 13.40 11.79
N SER C 79 5.93 13.25 11.13
CA SER C 79 5.36 14.43 10.48
C SER C 79 3.84 14.66 10.58
N MET C 80 3.55 15.96 10.62
CA MET C 80 2.17 16.49 10.70
C MET C 80 1.51 16.54 9.32
N LEU C 81 0.20 16.47 9.43
CA LEU C 81 -0.68 16.56 8.24
C LEU C 81 -1.58 17.76 8.41
N GLU C 82 -1.52 18.51 7.36
CA GLU C 82 -2.29 19.74 7.16
C GLU C 82 -3.67 19.31 6.73
N LYS C 83 -3.80 18.39 5.76
CA LYS C 83 -5.16 17.97 5.40
C LYS C 83 -5.36 16.58 4.82
N ILE C 84 -6.50 16.07 5.24
CA ILE C 84 -7.02 14.74 4.90
C ILE C 84 -8.30 14.99 4.12
N TYR C 85 -8.38 14.36 3.00
CA TYR C 85 -9.56 14.51 2.12
C TYR C 85 -9.90 13.06 1.74
N ILE C 86 -11.03 12.48 2.11
CA ILE C 86 -11.28 11.09 1.67
C ILE C 86 -11.90 11.25 0.29
N HIS C 87 -12.27 10.14 -0.28
CA HIS C 87 -12.95 10.21 -1.62
C HIS C 87 -14.45 10.08 -1.34
N PRO C 88 -15.15 11.07 -1.91
CA PRO C 88 -16.57 11.30 -1.75
C PRO C 88 -17.60 10.24 -2.00
N ARG C 89 -17.37 9.20 -2.71
CA ARG C 89 -18.35 8.11 -2.94
C ARG C 89 -17.91 6.83 -2.21
N TYR C 90 -17.16 7.04 -1.14
CA TYR C 90 -16.53 6.03 -0.31
C TYR C 90 -17.60 5.47 0.63
N ASN C 91 -18.04 4.28 0.22
CA ASN C 91 -19.12 3.49 0.79
C ASN C 91 -18.61 2.49 1.83
N TRP C 92 -18.87 2.91 3.04
CA TRP C 92 -18.59 2.28 4.33
C TRP C 92 -19.70 1.29 4.75
N ARG C 93 -20.93 1.71 4.69
CA ARG C 93 -22.12 0.99 5.07
C ARG C 93 -22.29 -0.16 4.12
N GLU C 94 -21.61 -0.16 2.98
CA GLU C 94 -21.87 -1.35 2.10
C GLU C 94 -20.68 -2.25 1.94
N ASN C 95 -19.58 -1.76 1.34
CA ASN C 95 -18.43 -2.66 1.12
C ASN C 95 -17.09 -2.01 0.89
N LEU C 96 -16.62 -1.25 1.84
CA LEU C 96 -15.29 -0.58 1.67
C LEU C 96 -15.12 -0.14 0.22
N ASP C 97 -16.16 0.48 -0.35
CA ASP C 97 -16.00 0.86 -1.79
C ASP C 97 -15.45 2.27 -1.84
N ARG C 98 -14.54 2.44 -2.78
CA ARG C 98 -13.95 3.78 -2.97
C ARG C 98 -13.41 4.25 -1.63
N ASP C 99 -12.69 3.34 -0.96
CA ASP C 99 -12.02 3.57 0.34
C ASP C 99 -10.57 3.92 0.06
N ILE C 100 -10.46 5.25 -0.19
CA ILE C 100 -9.19 5.87 -0.49
C ILE C 100 -8.98 7.19 0.22
N ALA C 101 -7.77 7.73 0.22
CA ALA C 101 -7.62 9.06 0.90
C ALA C 101 -6.21 9.60 0.76
N LEU C 102 -6.07 10.81 0.49
CA LEU C 102 -4.92 11.70 0.33
C LEU C 102 -4.67 12.43 1.64
N MET C 103 -3.52 12.63 2.27
CA MET C 103 -3.55 13.66 3.33
C MET C 103 -2.39 14.59 3.05
N LYS C 104 -2.71 15.87 2.90
CA LYS C 104 -1.67 16.83 2.57
C LYS C 104 -0.88 17.10 3.85
N LEU C 105 0.34 16.57 3.83
CA LEU C 105 1.29 16.68 4.95
C LEU C 105 1.55 18.14 5.22
N LYS C 106 1.94 18.45 6.47
CA LYS C 106 2.09 19.89 6.76
C LYS C 106 3.19 20.52 5.97
N LYS C 107 4.29 19.96 5.57
CA LYS C 107 5.33 20.62 4.70
C LYS C 107 6.07 19.56 3.89
N PRO C 108 7.02 19.94 3.06
CA PRO C 108 7.83 18.98 2.30
C PRO C 108 8.83 18.24 3.24
N VAL C 109 9.14 17.01 2.92
CA VAL C 109 10.15 16.13 3.53
C VAL C 109 11.16 15.71 2.48
N ALA C 110 12.42 15.59 2.93
CA ALA C 110 13.54 15.19 2.01
C ALA C 110 13.49 13.68 1.70
N PHE C 111 14.17 13.28 0.63
CA PHE C 111 14.03 11.90 0.15
C PHE C 111 15.28 11.05 0.41
N SER C 112 15.75 11.24 1.56
CA SER C 112 16.97 10.70 2.19
C SER C 112 16.95 9.14 2.29
N ASP C 113 17.67 8.51 1.36
CA ASP C 113 17.89 7.01 1.28
C ASP C 113 16.81 6.14 1.91
N TYR C 114 15.69 6.48 2.35
CA TYR C 114 14.73 5.50 2.98
C TYR C 114 13.35 6.09 3.07
N ILE C 115 13.30 7.26 2.61
CA ILE C 115 12.12 8.13 2.46
C ILE C 115 12.06 8.42 0.98
N HIS C 116 11.14 7.81 0.21
CA HIS C 116 11.17 8.08 -1.28
C HIS C 116 9.83 7.75 -1.94
N PRO C 117 9.61 8.59 -2.95
CA PRO C 117 8.30 8.56 -3.63
C PRO C 117 8.30 7.52 -4.75
N VAL C 118 7.17 6.90 -4.88
CA VAL C 118 6.73 5.82 -5.81
C VAL C 118 5.93 6.26 -7.02
N CYS C 119 5.98 5.54 -8.12
CA CYS C 119 5.27 5.86 -9.40
C CYS C 119 3.81 5.51 -9.34
N LEU C 120 3.12 6.58 -9.74
CA LEU C 120 1.66 6.65 -9.82
C LEU C 120 1.39 6.22 -11.29
N PRO C 121 0.58 5.13 -11.30
CA PRO C 121 0.29 4.38 -12.50
C PRO C 121 -0.06 5.26 -13.68
N ASP C 122 0.06 4.60 -14.83
CA ASP C 122 -0.25 5.15 -16.14
C ASP C 122 -0.96 3.94 -16.83
N ARG C 123 -1.68 4.27 -17.88
CA ARG C 123 -2.41 3.30 -18.68
C ARG C 123 -1.49 2.19 -19.17
N GLU C 124 -0.34 2.56 -19.67
CA GLU C 124 0.59 1.60 -20.19
C GLU C 124 1.02 0.45 -19.30
N THR C 125 1.82 0.80 -18.29
CA THR C 125 2.37 -0.13 -17.28
C THR C 125 1.28 -0.94 -16.62
N ALA C 126 0.21 -0.23 -16.32
CA ALA C 126 -1.01 -0.69 -15.69
C ALA C 126 -1.73 -1.73 -16.53
N ALA C 127 -2.01 -1.31 -17.74
CA ALA C 127 -2.74 -2.11 -18.70
C ALA C 127 -2.34 -3.57 -18.84
N SER C 128 -1.05 -3.75 -18.92
CA SER C 128 -0.16 -4.87 -19.12
C SER C 128 0.61 -5.51 -17.99
N LEU C 129 0.62 -4.85 -16.86
CA LEU C 129 1.19 -5.20 -15.56
C LEU C 129 0.05 -5.92 -14.82
N LEU C 130 -1.11 -5.33 -14.80
CA LEU C 130 -2.35 -5.79 -14.16
C LEU C 130 -3.10 -6.99 -14.74
N GLN C 131 -2.33 -8.01 -15.10
CA GLN C 131 -2.92 -9.26 -15.60
C GLN C 131 -2.77 -10.31 -14.53
N ALA C 132 -3.80 -10.94 -14.15
CA ALA C 132 -3.85 -12.00 -13.15
C ALA C 132 -2.73 -12.98 -13.55
N GLY C 133 -2.01 -13.44 -12.53
CA GLY C 133 -0.88 -14.38 -12.83
C GLY C 133 0.40 -13.68 -12.35
N TYR C 134 0.39 -12.41 -12.69
CA TYR C 134 1.48 -11.47 -12.33
C TYR C 134 1.33 -11.35 -10.81
N LYS C 135 2.39 -10.97 -10.18
CA LYS C 135 2.53 -10.80 -8.76
C LYS C 135 3.12 -9.40 -8.53
N GLY C 136 2.77 -8.86 -7.47
CA GLY C 136 3.08 -7.68 -6.64
C GLY C 136 3.23 -8.12 -5.18
N ARG C 137 3.63 -7.16 -4.34
CA ARG C 137 3.90 -7.44 -2.91
C ARG C 137 3.38 -6.34 -1.94
N VAL C 138 2.47 -6.72 -1.00
CA VAL C 138 2.09 -5.76 0.07
C VAL C 138 3.28 -5.63 0.99
N THR C 139 3.26 -4.53 1.69
CA THR C 139 4.30 -4.17 2.64
C THR C 139 3.65 -3.50 3.82
N GLY C 140 3.83 -3.99 5.01
CA GLY C 140 3.25 -3.35 6.22
C GLY C 140 3.96 -3.80 7.50
N TRP C 141 3.47 -3.35 8.58
CA TRP C 141 3.71 -3.60 10.01
C TRP C 141 2.37 -3.93 10.68
N GLY C 142 2.00 -5.21 10.77
CA GLY C 142 0.69 -5.52 11.40
C GLY C 142 0.54 -6.98 11.82
N ASN C 143 -0.65 -7.33 12.26
CA ASN C 143 -0.90 -8.70 12.66
C ASN C 143 -0.13 -9.60 11.69
N LEU C 144 0.35 -10.72 12.24
CA LEU C 144 1.20 -11.71 11.55
C LEU C 144 0.30 -12.90 11.16
N LYS C 145 -0.79 -12.93 11.89
CA LYS C 145 -1.91 -13.86 11.74
C LYS C 145 -3.06 -13.16 12.46
N GLU C 146 -4.25 -13.74 12.48
CA GLU C 146 -5.38 -13.03 13.15
C GLU C 146 -5.49 -13.29 14.65
N THR C 147 -4.73 -12.53 15.45
CA THR C 147 -4.77 -12.68 16.93
C THR C 147 -3.91 -11.59 17.61
N TRP C 148 -3.89 -11.65 18.92
CA TRP C 148 -3.17 -10.66 19.74
C TRP C 148 -1.88 -11.21 20.35
N GLY C 155 -0.13 -10.90 17.49
CA GLY C 155 1.30 -10.79 17.17
C GLY C 155 1.59 -9.49 16.44
N GLN C 156 2.53 -8.65 17.06
CA GLN C 156 2.87 -7.45 16.27
C GLN C 156 4.40 -7.35 16.18
N PRO C 157 4.88 -7.52 14.94
CA PRO C 157 6.30 -7.67 14.57
C PRO C 157 7.28 -6.60 15.01
N SER C 158 8.51 -7.05 14.77
CA SER C 158 9.78 -6.36 15.05
C SER C 158 10.03 -5.25 14.00
N VAL C 159 10.00 -5.66 12.72
CA VAL C 159 10.18 -4.92 11.52
C VAL C 159 9.13 -5.30 10.43
N LEU C 160 9.24 -4.34 9.49
CA LEU C 160 8.45 -4.41 8.26
C LEU C 160 8.71 -5.76 7.57
N GLN C 161 7.60 -6.36 7.30
CA GLN C 161 7.30 -7.64 6.68
C GLN C 161 6.87 -7.36 5.24
N VAL C 162 6.89 -8.41 4.44
CA VAL C 162 6.55 -8.24 3.01
C VAL C 162 6.18 -9.64 2.58
N VAL C 163 5.16 -9.81 1.84
CA VAL C 163 4.70 -11.07 1.26
C VAL C 163 4.68 -10.91 -0.28
N ASN C 164 4.68 -11.97 -1.07
CA ASN C 164 4.64 -11.71 -2.56
C ASN C 164 3.53 -12.58 -3.20
N LEU C 165 2.59 -11.75 -3.73
CA LEU C 165 1.38 -12.31 -4.34
C LEU C 165 0.83 -11.81 -5.67
N PRO C 166 0.15 -12.80 -6.27
CA PRO C 166 -0.44 -12.75 -7.58
C PRO C 166 -1.92 -12.29 -7.62
N ILE C 167 -2.11 -11.40 -8.59
CA ILE C 167 -3.41 -10.76 -8.93
C ILE C 167 -4.40 -11.89 -9.21
N VAL C 168 -5.61 -11.81 -8.71
CA VAL C 168 -6.61 -12.88 -8.86
C VAL C 168 -7.83 -12.32 -9.60
N GLU C 169 -8.23 -13.15 -10.59
CA GLU C 169 -9.38 -12.80 -11.46
C GLU C 169 -10.70 -12.92 -10.71
N ARG C 170 -11.59 -12.14 -11.26
CA ARG C 170 -12.94 -11.77 -10.80
C ARG C 170 -13.80 -13.01 -10.57
N PRO C 171 -13.79 -14.02 -11.46
CA PRO C 171 -14.58 -15.22 -11.25
C PRO C 171 -14.21 -15.95 -9.96
N VAL C 172 -13.29 -15.46 -9.20
CA VAL C 172 -12.94 -16.17 -7.98
C VAL C 172 -13.29 -15.27 -6.79
N CYS C 173 -12.83 -14.09 -6.90
CA CYS C 173 -13.15 -13.00 -5.92
C CYS C 173 -14.53 -12.56 -5.92
N LYS C 174 -15.37 -13.29 -6.67
CA LYS C 174 -16.84 -13.06 -6.66
C LYS C 174 -17.43 -14.15 -5.80
N ASP C 175 -17.33 -15.36 -6.33
CA ASP C 175 -17.85 -16.55 -5.64
C ASP C 175 -16.91 -16.96 -4.52
N SER C 176 -16.14 -15.95 -4.07
CA SER C 176 -15.30 -16.03 -2.86
C SER C 176 -16.04 -15.48 -1.67
N THR C 177 -16.72 -14.35 -1.93
CA THR C 177 -17.44 -13.66 -0.84
C THR C 177 -18.77 -13.03 -1.26
N ARG C 178 -19.64 -13.23 -0.24
CA ARG C 178 -21.00 -12.73 -0.11
C ARG C 178 -21.02 -11.23 -0.34
N ILE C 179 -20.03 -10.49 0.25
CA ILE C 179 -19.85 -9.04 -0.04
C ILE C 179 -19.99 -8.84 -1.52
N ARG C 180 -20.41 -7.64 -1.95
CA ARG C 180 -20.39 -7.40 -3.41
C ARG C 180 -19.11 -6.64 -3.72
N ILE C 181 -18.58 -7.15 -4.76
CA ILE C 181 -17.32 -6.79 -5.36
C ILE C 181 -17.55 -5.88 -6.57
N THR C 182 -17.05 -4.73 -6.42
CA THR C 182 -16.95 -3.60 -7.29
C THR C 182 -15.72 -3.71 -8.15
N ASP C 183 -15.72 -3.25 -9.37
CA ASP C 183 -14.50 -3.31 -10.21
C ASP C 183 -13.51 -2.27 -9.66
N ASN C 184 -13.71 -1.87 -8.35
CA ASN C 184 -12.78 -0.82 -7.85
C ASN C 184 -11.82 -1.39 -6.77
N MET C 185 -11.56 -2.65 -6.97
CA MET C 185 -10.67 -3.52 -6.19
C MET C 185 -10.38 -4.69 -7.16
N PHE C 186 -9.45 -5.49 -6.94
CA PHE C 186 -9.02 -6.77 -7.54
C PHE C 186 -8.63 -7.61 -6.35
N CYS C 187 -8.11 -8.79 -6.52
CA CYS C 187 -7.70 -9.58 -5.33
C CYS C 187 -6.34 -10.15 -5.62
N ALA C 188 -5.60 -10.29 -4.55
CA ALA C 188 -4.26 -10.80 -4.61
C ALA C 188 -4.12 -11.94 -3.59
N GLY C 189 -3.97 -13.18 -4.10
CA GLY C 189 -3.91 -14.38 -3.21
C GLY C 189 -3.11 -15.48 -3.85
N TYR C 190 -3.35 -16.74 -3.57
CA TYR C 190 -2.96 -18.02 -4.21
C TYR C 190 -4.12 -18.98 -4.14
N LYS C 191 -4.17 -19.69 -5.19
CA LYS C 191 -5.26 -20.75 -5.22
C LYS C 191 -4.71 -21.74 -4.23
N PRO C 192 -5.53 -22.58 -3.64
CA PRO C 192 -5.12 -23.55 -2.62
C PRO C 192 -4.31 -24.77 -3.04
N ASP C 193 -4.38 -25.19 -4.31
CA ASP C 193 -3.59 -26.33 -4.85
C ASP C 193 -2.32 -25.65 -5.48
N GLU C 194 -1.68 -24.89 -4.69
CA GLU C 194 -0.63 -23.87 -4.87
C GLU C 194 0.06 -23.69 -3.50
N GLY C 195 0.67 -24.76 -3.01
CA GLY C 195 1.37 -24.99 -1.79
C GLY C 195 1.85 -23.77 -1.07
N LYS C 196 1.92 -22.63 -1.71
CA LYS C 196 2.46 -21.40 -1.08
C LYS C 196 1.29 -20.59 -0.40
N ARG C 197 1.62 -19.40 0.20
CA ARG C 197 0.56 -18.52 0.83
C ARG C 197 1.12 -17.18 1.36
N GLY C 198 0.10 -16.42 1.87
CA GLY C 198 0.29 -15.04 2.42
C GLY C 198 -0.99 -14.18 2.19
N ASP C 199 -1.04 -13.05 2.86
CA ASP C 199 -2.19 -12.11 2.84
C ASP C 199 -1.77 -10.83 3.58
N ALA C 200 -2.61 -9.81 3.57
CA ALA C 200 -2.33 -8.64 4.41
C ALA C 200 -3.21 -8.87 5.63
N CYS C 201 -3.38 -8.02 6.56
CA CYS C 201 -4.13 -8.41 7.75
C CYS C 201 -4.44 -7.15 8.56
N GLU C 202 -5.30 -7.34 9.56
CA GLU C 202 -5.60 -6.23 10.43
C GLU C 202 -4.26 -5.58 10.85
N GLY C 203 -4.12 -4.32 10.50
CA GLY C 203 -3.08 -3.38 10.65
C GLY C 203 -2.30 -2.97 9.41
N ASP C 204 -2.39 -3.75 8.38
CA ASP C 204 -1.70 -3.55 7.09
C ASP C 204 -2.14 -2.38 6.22
N SER C 205 -3.43 -2.24 6.07
CA SER C 205 -4.18 -1.25 5.33
C SER C 205 -3.51 0.13 5.27
N GLY C 206 -3.79 0.61 4.03
CA GLY C 206 -3.36 1.94 3.53
C GLY C 206 -2.06 1.80 2.74
N GLY C 207 -1.54 0.62 2.88
CA GLY C 207 -0.29 -0.11 2.61
C GLY C 207 -0.23 -0.53 1.13
N PRO C 208 0.82 -0.12 0.44
CA PRO C 208 1.01 -0.39 -1.00
C PRO C 208 1.13 -1.84 -1.43
N PHE C 209 0.41 -2.09 -2.53
CA PHE C 209 0.54 -3.31 -3.37
C PHE C 209 1.27 -2.75 -4.58
N VAL C 210 2.57 -2.86 -4.57
CA VAL C 210 3.37 -2.31 -5.66
C VAL C 210 3.98 -3.44 -6.48
N MET C 211 4.33 -2.88 -7.72
CA MET C 211 4.70 -3.76 -8.85
C MET C 211 5.84 -3.17 -9.66
N LYS C 212 6.62 -4.11 -10.23
CA LYS C 212 7.86 -3.78 -10.95
C LYS C 212 7.62 -3.79 -12.45
N SER C 213 7.78 -2.65 -13.11
CA SER C 213 7.58 -2.65 -14.55
C SER C 213 8.92 -2.95 -15.24
N PRO C 214 8.80 -4.16 -15.88
CA PRO C 214 9.91 -4.78 -16.54
C PRO C 214 10.58 -3.81 -17.50
N PHE C 215 9.82 -2.76 -17.80
CA PHE C 215 10.11 -1.70 -18.83
C PHE C 215 10.90 -0.46 -18.44
N ASN C 216 10.36 0.32 -17.53
CA ASN C 216 11.06 1.54 -17.10
C ASN C 216 11.68 1.26 -15.72
N ASN C 217 11.43 0.07 -15.25
CA ASN C 217 12.04 -0.48 -14.03
C ASN C 217 11.87 0.38 -12.76
N ARG C 218 10.71 0.93 -12.64
CA ARG C 218 10.22 1.74 -11.52
C ARG C 218 9.21 0.90 -10.75
N TRP C 219 8.63 1.40 -9.68
CA TRP C 219 7.61 0.70 -8.88
C TRP C 219 6.35 1.59 -8.93
N TYR C 220 5.20 1.01 -9.13
CA TYR C 220 3.95 1.74 -9.26
C TYR C 220 2.85 1.19 -8.38
N GLN C 221 1.99 2.00 -7.80
CA GLN C 221 0.88 1.49 -6.99
C GLN C 221 -0.35 0.98 -7.71
N MET C 222 -0.25 -0.32 -7.93
CA MET C 222 -1.46 -0.96 -8.62
C MET C 222 -2.61 -1.08 -7.64
N GLY C 223 -2.36 -1.06 -6.34
CA GLY C 223 -3.40 -1.16 -5.32
C GLY C 223 -3.02 -0.75 -3.91
N ILE C 224 -3.94 -1.03 -2.99
CA ILE C 224 -3.84 -0.73 -1.58
C ILE C 224 -4.68 -1.80 -0.83
N VAL C 225 -4.16 -2.05 0.42
CA VAL C 225 -4.87 -3.06 1.20
C VAL C 225 -6.17 -2.43 1.77
N SER C 226 -7.23 -3.08 1.34
CA SER C 226 -8.60 -2.72 1.60
C SER C 226 -9.27 -3.63 2.62
N TRP C 227 -9.37 -4.91 2.40
CA TRP C 227 -10.11 -5.72 3.37
C TRP C 227 -9.86 -7.18 3.09
N GLY C 228 -10.73 -8.01 3.64
CA GLY C 228 -10.61 -9.47 3.46
C GLY C 228 -11.40 -10.22 4.52
N GLU C 229 -11.61 -11.49 4.22
CA GLU C 229 -12.39 -12.31 5.21
C GLU C 229 -11.39 -13.16 5.97
N GLY C 230 -10.52 -12.50 6.74
CA GLY C 230 -9.55 -13.01 7.72
C GLY C 230 -8.29 -13.66 7.09
N CYS C 231 -7.19 -12.96 7.32
CA CYS C 231 -5.85 -13.31 6.84
C CYS C 231 -5.71 -14.84 6.71
N ASP C 232 -5.42 -15.17 5.47
CA ASP C 232 -5.15 -16.52 4.91
C ASP C 232 -6.33 -17.56 4.93
N ARG C 233 -7.60 -17.18 5.15
CA ARG C 233 -8.66 -18.25 5.06
C ARG C 233 -8.30 -18.97 3.75
N ASP C 234 -7.94 -20.24 3.84
CA ASP C 234 -7.51 -20.97 2.63
C ASP C 234 -8.72 -21.20 1.63
N GLY C 235 -8.64 -20.31 0.73
CA GLY C 235 -9.51 -20.12 -0.41
C GLY C 235 -10.24 -18.77 -0.21
N LYS C 236 -9.66 -17.96 0.70
CA LYS C 236 -10.36 -16.63 0.85
C LYS C 236 -9.30 -15.72 0.24
N TYR C 237 -9.72 -14.55 -0.17
CA TYR C 237 -8.65 -13.73 -0.88
C TYR C 237 -8.63 -12.44 -0.07
N GLY C 238 -7.69 -11.61 -0.39
CA GLY C 238 -7.42 -10.32 0.29
C GLY C 238 -7.84 -9.34 -0.75
N PHE C 239 -8.53 -8.27 -0.41
CA PHE C 239 -8.99 -7.38 -1.51
C PHE C 239 -8.25 -6.05 -1.44
N TYR C 240 -7.54 -5.69 -2.45
CA TYR C 240 -6.88 -4.35 -2.46
C TYR C 240 -7.55 -3.47 -3.54
N THR C 241 -7.44 -2.14 -3.40
CA THR C 241 -8.07 -1.18 -4.29
C THR C 241 -7.25 -0.67 -5.49
N HIS C 242 -7.92 -0.76 -6.65
CA HIS C 242 -7.50 -0.40 -8.01
C HIS C 242 -7.08 1.07 -8.05
N VAL C 243 -5.86 1.29 -7.62
CA VAL C 243 -5.25 2.62 -7.56
C VAL C 243 -5.29 3.31 -8.93
N PHE C 244 -5.65 2.53 -9.92
CA PHE C 244 -5.73 3.04 -11.30
C PHE C 244 -7.11 3.63 -11.60
N ARG C 245 -8.07 2.73 -11.66
CA ARG C 245 -9.48 3.00 -11.99
C ARG C 245 -10.08 4.16 -11.17
N LEU C 246 -9.28 4.83 -10.48
CA LEU C 246 -9.52 5.94 -9.54
C LEU C 246 -8.40 6.92 -9.62
N LYS C 247 -7.39 6.62 -10.46
CA LYS C 247 -6.24 7.53 -10.46
C LYS C 247 -6.73 8.92 -10.76
N LYS C 248 -7.97 8.90 -11.30
CA LYS C 248 -8.53 10.21 -11.62
C LYS C 248 -8.89 10.96 -10.36
N TRP C 249 -9.57 10.31 -9.42
CA TRP C 249 -9.92 11.00 -8.17
C TRP C 249 -8.69 11.66 -7.54
N ILE C 250 -7.52 11.07 -7.66
CA ILE C 250 -6.24 11.49 -7.12
C ILE C 250 -5.67 12.76 -7.72
N GLN C 251 -5.06 12.76 -8.89
CA GLN C 251 -4.46 14.01 -9.37
C GLN C 251 -5.43 15.18 -9.35
N LYS C 252 -6.70 14.99 -9.14
CA LYS C 252 -7.61 16.19 -9.10
C LYS C 252 -7.30 16.95 -7.81
N VAL C 253 -7.32 16.33 -6.66
CA VAL C 253 -7.05 16.95 -5.36
C VAL C 253 -5.73 17.71 -5.31
N ILE C 254 -4.77 17.13 -6.03
CA ILE C 254 -3.39 17.76 -5.98
C ILE C 254 -3.46 19.02 -6.82
N ASP C 255 -4.13 18.94 -7.94
CA ASP C 255 -4.36 20.08 -8.84
C ASP C 255 -4.99 21.28 -8.09
N GLN C 256 -5.83 20.76 -7.23
CA GLN C 256 -6.66 21.71 -6.51
C GLN C 256 -5.91 22.28 -5.29
N PHE C 257 -5.04 21.48 -4.68
CA PHE C 257 -4.36 21.95 -3.47
C PHE C 257 -2.91 21.49 -3.28
N GLY C 258 -2.14 22.43 -2.71
CA GLY C 258 -0.82 22.15 -2.12
C GLY C 258 0.46 22.43 -2.92
N GLU C 259 1.05 21.29 -3.24
CA GLU C 259 2.41 21.17 -3.79
C GLU C 259 2.62 19.73 -4.30
#